data_3LJS
#
_entry.id   3LJS
#
_cell.length_a   70.019
_cell.length_b   93.625
_cell.length_c   179.439
_cell.angle_alpha   90.00
_cell.angle_beta   90.00
_cell.angle_gamma   90.00
#
_symmetry.space_group_name_H-M   'P 21 21 21'
#
loop_
_entity.id
_entity.type
_entity.pdbx_description
1 polymer Fructokinase
2 non-polymer 'PHOSPHATE ION'
3 water water
#
_entity_poly.entity_id   1
_entity_poly.type   'polypeptide(L)'
_entity_poly.pdbx_seq_one_letter_code
;(MSE)SLKKTILCFGEALID(MSE)LAQPLVKKG(MSE)PRAFLQCAGGAPANVAVAVARLGGAVQFVG(MSE)LGSD
(MSE)FGDFLFDSFAEAGVVTDGIVRTSTAKTALAFVALDAHGERSFSFYRPPAADLLFRVEHFQDASFSDALIFHACSN
S(MSE)TDADIAEVTFEG(MSE)RRAQAAGAIVSFDLNFRP(MSE)LWPNGENPASRLWKGLSLADVVKLSSEELDYLAN
TLAADANAVIQQLWQGRAQLLLVTDAAGPVHWYTRTAGGEVPTFRVQVQDSNAAGDAFVGG(MSE)LYTFAQQFDDAAAL
IDFCHDPESIVSTLRFAAAVGALAVTRQGAFTA(MSE)P(MSE)LSEVLSLIQEQSEGHHHHHH
;
_entity_poly.pdbx_strand_id   A,B
#
# COMPACT_ATOMS: atom_id res chain seq x y z
N LYS A 4 -13.35 12.66 12.81
CA LYS A 4 -12.88 13.04 11.45
C LYS A 4 -12.38 11.85 10.62
N LYS A 5 -11.10 11.52 10.74
CA LYS A 5 -10.52 10.42 9.96
C LYS A 5 -9.75 9.34 10.70
N THR A 6 -9.27 9.66 11.89
CA THR A 6 -8.45 8.75 12.66
C THR A 6 -9.18 7.59 13.34
N ILE A 7 -8.51 6.45 13.38
CA ILE A 7 -9.04 5.28 14.06
C ILE A 7 -8.32 5.23 15.39
N LEU A 8 -9.09 5.34 16.47
CA LEU A 8 -8.53 5.31 17.80
C LEU A 8 -8.68 3.92 18.41
N CYS A 9 -7.55 3.22 18.54
CA CYS A 9 -7.55 1.88 19.13
C CYS A 9 -7.15 2.03 20.59
N PHE A 10 -8.01 1.56 21.49
CA PHE A 10 -7.73 1.70 22.92
C PHE A 10 -7.62 0.40 23.69
N GLY A 11 -6.69 0.36 24.65
CA GLY A 11 -6.57 -0.82 25.48
C GLY A 11 -5.19 -1.33 25.82
N GLU A 12 -5.05 -2.64 25.69
CA GLU A 12 -3.83 -3.33 26.02
C GLU A 12 -2.86 -3.58 24.88
N ALA A 13 -1.59 -3.39 25.20
CA ALA A 13 -0.47 -3.63 24.30
C ALA A 13 0.43 -4.42 25.24
N LEU A 14 0.87 -5.60 24.83
CA LEU A 14 1.72 -6.39 25.69
C LEU A 14 2.69 -7.23 24.88
N ILE A 15 3.56 -7.95 25.58
CA ILE A 15 4.55 -8.79 24.92
C ILE A 15 4.13 -10.24 24.89
N ASP A 16 4.15 -10.82 23.69
CA ASP A 16 3.85 -12.23 23.50
C ASP A 16 5.21 -12.93 23.53
N LEU A 18 6.82 -16.29 22.80
CA LEU A 18 6.58 -17.58 22.17
C LEU A 18 7.67 -18.60 22.45
N ALA A 19 7.30 -19.68 23.12
CA ALA A 19 8.26 -20.73 23.46
C ALA A 19 8.72 -21.44 22.19
N GLN A 20 10.03 -21.65 22.08
CA GLN A 20 10.58 -22.32 20.92
C GLN A 20 10.89 -23.77 21.24
N PRO A 21 10.74 -24.66 20.24
CA PRO A 21 11.02 -26.08 20.46
C PRO A 21 12.47 -26.26 20.89
N LEU A 22 12.72 -27.19 21.81
CA LEU A 22 14.09 -27.42 22.27
C LEU A 22 14.96 -27.93 21.13
N VAL A 23 16.04 -27.21 20.87
CA VAL A 23 16.97 -27.60 19.81
C VAL A 23 17.93 -28.68 20.30
N LYS A 24 18.60 -28.42 21.42
CA LYS A 24 19.53 -29.40 21.98
C LYS A 24 19.43 -29.55 23.50
N LYS A 25 19.11 -30.77 23.92
CA LYS A 25 18.93 -31.18 25.30
C LYS A 25 19.53 -30.33 26.42
N GLY A 26 20.85 -30.12 26.38
CA GLY A 26 21.50 -29.35 27.43
C GLY A 26 21.38 -27.84 27.33
N PRO A 28 19.46 -24.10 27.14
CA PRO A 28 18.29 -23.47 27.74
C PRO A 28 17.19 -23.19 26.70
N ARG A 29 15.95 -23.51 27.07
CA ARG A 29 14.81 -23.28 26.19
C ARG A 29 14.76 -21.79 25.81
N ALA A 30 14.35 -21.50 24.58
CA ALA A 30 14.29 -20.11 24.14
C ALA A 30 12.87 -19.60 23.94
N PHE A 31 12.69 -18.31 24.18
CA PHE A 31 11.41 -17.64 24.03
C PHE A 31 11.60 -16.43 23.11
N LEU A 32 10.72 -16.29 22.12
CA LEU A 32 10.82 -15.17 21.18
C LEU A 32 9.85 -14.04 21.53
N GLN A 33 10.39 -12.83 21.58
CA GLN A 33 9.61 -11.63 21.90
C GLN A 33 8.84 -11.09 20.70
N CYS A 34 7.54 -10.92 20.86
CA CYS A 34 6.68 -10.40 19.80
C CYS A 34 5.64 -9.42 20.34
N ALA A 35 5.51 -8.28 19.68
CA ALA A 35 4.53 -7.27 20.07
C ALA A 35 3.15 -7.89 20.01
N GLY A 36 2.36 -7.69 21.06
CA GLY A 36 1.03 -8.25 21.11
C GLY A 36 -0.02 -7.33 21.73
N GLY A 37 -1.17 -7.90 22.06
CA GLY A 37 -2.26 -7.11 22.62
C GLY A 37 -3.31 -6.98 21.53
N ALA A 38 -4.57 -7.26 21.84
CA ALA A 38 -5.64 -7.24 20.85
C ALA A 38 -5.79 -5.92 20.08
N PRO A 39 -6.18 -4.83 20.76
CA PRO A 39 -6.32 -3.59 20.00
C PRO A 39 -4.97 -3.11 19.49
N ALA A 40 -3.89 -3.47 20.17
CA ALA A 40 -2.55 -3.08 19.74
C ALA A 40 -2.22 -3.68 18.37
N ASN A 41 -2.50 -4.97 18.19
CA ASN A 41 -2.21 -5.58 16.91
C ASN A 41 -3.05 -5.00 15.77
N VAL A 42 -4.30 -4.66 16.06
CA VAL A 42 -5.19 -4.09 15.07
C VAL A 42 -4.70 -2.69 14.67
N ALA A 43 -4.19 -1.93 15.63
CA ALA A 43 -3.68 -0.59 15.36
C ALA A 43 -2.51 -0.70 14.38
N VAL A 44 -1.63 -1.68 14.61
CA VAL A 44 -0.48 -1.87 13.73
C VAL A 44 -0.90 -2.30 12.32
N ALA A 45 -1.91 -3.18 12.24
CA ALA A 45 -2.38 -3.64 10.95
C ALA A 45 -2.99 -2.49 10.13
N VAL A 46 -3.80 -1.65 10.79
CA VAL A 46 -4.41 -0.52 10.10
C VAL A 46 -3.31 0.40 9.58
N ALA A 47 -2.30 0.66 10.41
CA ALA A 47 -1.19 1.52 10.02
C ALA A 47 -0.43 0.98 8.82
N ARG A 48 -0.17 -0.34 8.82
CA ARG A 48 0.52 -0.98 7.71
C ARG A 48 -0.27 -0.90 6.41
N LEU A 49 -1.59 -0.81 6.52
CA LEU A 49 -2.46 -0.71 5.35
C LEU A 49 -2.49 0.72 4.83
N GLY A 50 -2.06 1.66 5.67
CA GLY A 50 -2.04 3.05 5.27
C GLY A 50 -3.09 3.93 5.92
N GLY A 51 -3.82 3.40 6.89
CA GLY A 51 -4.84 4.20 7.54
C GLY A 51 -4.28 5.09 8.63
N ALA A 52 -5.02 6.13 9.00
CA ALA A 52 -4.60 7.05 10.05
C ALA A 52 -5.05 6.40 11.35
N VAL A 53 -4.10 6.00 12.19
CA VAL A 53 -4.46 5.34 13.43
C VAL A 53 -3.57 5.75 14.60
N GLN A 54 -4.19 5.78 15.77
CA GLN A 54 -3.52 6.14 17.00
C GLN A 54 -3.82 5.06 18.03
N PHE A 55 -2.82 4.65 18.79
CA PHE A 55 -3.05 3.65 19.83
C PHE A 55 -3.08 4.40 21.15
N VAL A 56 -4.14 4.21 21.92
CA VAL A 56 -4.27 4.87 23.20
C VAL A 56 -4.27 3.83 24.30
N GLY A 57 -3.30 3.94 25.20
CA GLY A 57 -3.19 2.98 26.28
C GLY A 57 -1.96 3.28 27.10
N LEU A 59 1.73 2.07 28.66
CA LEU A 59 2.87 1.17 28.49
C LEU A 59 3.83 1.34 29.67
N GLY A 60 4.47 0.25 30.08
CA GLY A 60 5.40 0.36 31.19
C GLY A 60 6.63 1.15 30.74
N SER A 61 7.39 1.66 31.69
CA SER A 61 8.61 2.40 31.38
C SER A 61 9.79 1.46 31.26
N ASP A 62 9.50 0.17 31.22
CA ASP A 62 10.51 -0.87 31.12
C ASP A 62 10.96 -1.15 29.68
N PHE A 64 10.33 -3.62 27.83
CA PHE A 64 9.26 -4.11 27.00
C PHE A 64 8.34 -3.00 26.52
N GLY A 65 8.16 -1.99 27.37
CA GLY A 65 7.32 -0.87 27.00
C GLY A 65 7.98 -0.10 25.87
N ASP A 66 9.30 0.05 25.94
CA ASP A 66 10.04 0.78 24.90
C ASP A 66 9.93 0.01 23.58
N PHE A 67 9.96 -1.31 23.65
CA PHE A 67 9.85 -2.15 22.46
C PHE A 67 8.49 -1.94 21.80
N LEU A 68 7.44 -1.95 22.62
CA LEU A 68 6.09 -1.75 22.12
C LEU A 68 5.94 -0.34 21.53
N PHE A 69 6.48 0.65 22.21
CA PHE A 69 6.39 2.04 21.74
C PHE A 69 7.05 2.15 20.36
N ASP A 70 8.26 1.59 20.24
CA ASP A 70 9.00 1.64 18.98
C ASP A 70 8.29 0.86 17.87
N SER A 71 7.66 -0.26 18.24
CA SER A 71 6.94 -1.06 17.26
C SER A 71 5.79 -0.24 16.68
N PHE A 72 5.11 0.52 17.54
CA PHE A 72 4.01 1.36 17.08
C PHE A 72 4.55 2.41 16.12
N ALA A 73 5.58 3.12 16.55
CA ALA A 73 6.20 4.17 15.75
C ALA A 73 6.65 3.68 14.37
N GLU A 74 7.35 2.56 14.34
CA GLU A 74 7.84 2.02 13.08
C GLU A 74 6.73 1.64 12.12
N ALA A 75 5.60 1.15 12.64
CA ALA A 75 4.48 0.76 11.81
C ALA A 75 3.69 1.96 11.28
N GLY A 76 3.89 3.13 11.89
CA GLY A 76 3.17 4.30 11.45
C GLY A 76 2.01 4.67 12.35
N VAL A 77 1.89 4.01 13.49
CA VAL A 77 0.83 4.30 14.45
C VAL A 77 1.17 5.57 15.23
N VAL A 78 0.21 6.48 15.36
CA VAL A 78 0.46 7.72 16.09
C VAL A 78 0.57 7.37 17.57
N THR A 79 1.61 7.88 18.22
CA THR A 79 1.87 7.56 19.62
C THR A 79 1.62 8.63 20.69
N ASP A 80 1.26 9.85 20.32
CA ASP A 80 1.07 10.85 21.37
C ASP A 80 -0.08 10.61 22.33
N GLY A 81 -0.84 9.55 22.11
CA GLY A 81 -1.94 9.24 23.02
C GLY A 81 -1.49 8.21 24.04
N ILE A 82 -0.25 7.76 23.91
CA ILE A 82 0.31 6.77 24.82
C ILE A 82 0.87 7.40 26.09
N VAL A 83 0.59 6.78 27.23
CA VAL A 83 1.10 7.25 28.52
C VAL A 83 1.95 6.13 29.13
N ARG A 84 2.83 6.49 30.06
CA ARG A 84 3.73 5.51 30.68
C ARG A 84 3.64 5.48 32.19
N THR A 85 4.09 4.37 32.78
CA THR A 85 4.11 4.21 34.23
C THR A 85 5.25 3.30 34.67
N SER A 86 5.77 3.57 35.88
CA SER A 86 6.84 2.75 36.45
C SER A 86 6.21 1.92 37.57
N THR A 87 4.93 2.16 37.80
CA THR A 87 4.17 1.48 38.84
C THR A 87 3.97 -0.01 38.62
N ALA A 88 3.95 -0.41 37.35
CA ALA A 88 3.77 -1.81 37.01
C ALA A 88 4.53 -2.15 35.74
N LYS A 89 4.81 -3.43 35.56
CA LYS A 89 5.54 -3.89 34.39
C LYS A 89 4.60 -4.12 33.22
N THR A 90 5.17 -4.09 32.02
CA THR A 90 4.40 -4.35 30.81
C THR A 90 3.97 -5.79 30.93
N ALA A 91 2.69 -6.07 30.64
CA ALA A 91 2.19 -7.43 30.75
C ALA A 91 2.90 -8.39 29.79
N LEU A 92 2.99 -9.65 30.20
CA LEU A 92 3.64 -10.69 29.40
C LEU A 92 2.65 -11.82 29.14
N ALA A 93 2.65 -12.33 27.92
CA ALA A 93 1.77 -13.43 27.55
C ALA A 93 2.61 -14.59 27.06
N PHE A 94 2.85 -15.57 27.92
CA PHE A 94 3.64 -16.74 27.57
C PHE A 94 2.81 -17.83 26.92
N VAL A 95 3.20 -18.22 25.73
CA VAL A 95 2.50 -19.29 25.03
C VAL A 95 3.52 -20.36 24.65
N ALA A 96 3.42 -21.50 25.31
CA ALA A 96 4.33 -22.60 25.07
C ALA A 96 3.49 -23.82 24.77
N LEU A 97 4.10 -24.81 24.14
CA LEU A 97 3.38 -26.03 23.82
C LEU A 97 3.46 -26.91 25.06
N ASP A 98 2.69 -26.55 26.08
CA ASP A 98 2.67 -27.29 27.33
C ASP A 98 1.69 -28.45 27.40
N ALA A 99 2.19 -29.59 27.88
CA ALA A 99 1.40 -30.79 28.06
C ALA A 99 0.68 -31.38 26.85
N HIS A 100 1.00 -32.64 26.58
CA HIS A 100 0.41 -33.43 25.51
C HIS A 100 0.09 -32.71 24.19
N GLY A 101 1.05 -31.92 23.69
CA GLY A 101 0.83 -31.24 22.42
C GLY A 101 -0.13 -30.07 22.42
N GLU A 102 -0.76 -29.77 23.55
CA GLU A 102 -1.69 -28.65 23.62
C GLU A 102 -0.91 -27.37 23.93
N ARG A 103 -1.21 -26.27 23.24
CA ARG A 103 -0.51 -25.03 23.50
C ARG A 103 -1.08 -24.39 24.76
N SER A 104 -0.21 -24.14 25.74
CA SER A 104 -0.61 -23.55 27.01
C SER A 104 -0.38 -22.06 27.07
N PHE A 105 -0.76 -21.47 28.20
CA PHE A 105 -0.62 -20.03 28.41
C PHE A 105 -0.29 -19.69 29.87
N SER A 106 0.41 -18.57 30.04
CA SER A 106 0.76 -18.08 31.36
C SER A 106 0.89 -16.57 31.24
N PHE A 107 -0.10 -15.85 31.75
CA PHE A 107 -0.11 -14.40 31.68
C PHE A 107 0.40 -13.74 32.95
N TYR A 108 1.24 -12.72 32.78
CA TYR A 108 1.72 -11.95 33.91
C TYR A 108 0.89 -10.69 33.82
N ARG A 109 -0.37 -10.84 34.25
CA ARG A 109 -1.38 -9.80 34.24
C ARG A 109 -2.61 -10.39 34.89
N PRO A 110 -3.10 -9.77 35.98
CA PRO A 110 -2.61 -8.57 36.66
C PRO A 110 -1.52 -8.95 37.65
N PRO A 111 -0.72 -7.97 38.10
CA PRO A 111 -0.82 -6.55 37.71
C PRO A 111 -0.17 -6.30 36.36
N ALA A 112 -0.37 -5.11 35.81
CA ALA A 112 0.21 -4.75 34.52
C ALA A 112 0.05 -3.27 34.23
N ALA A 113 0.98 -2.70 33.48
CA ALA A 113 0.93 -1.29 33.14
C ALA A 113 -0.34 -0.87 32.38
N ASP A 114 -0.79 -1.67 31.42
CA ASP A 114 -1.97 -1.32 30.63
C ASP A 114 -3.25 -1.20 31.46
N LEU A 115 -3.26 -1.87 32.61
CA LEU A 115 -4.40 -1.86 33.52
C LEU A 115 -4.52 -0.55 34.28
N LEU A 116 -3.45 0.25 34.28
CA LEU A 116 -3.45 1.49 35.03
C LEU A 116 -3.82 2.75 34.26
N PHE A 117 -4.30 2.59 33.03
CA PHE A 117 -4.71 3.75 32.25
C PHE A 117 -5.94 4.32 32.94
N ARG A 118 -5.96 5.62 33.17
CA ARG A 118 -7.09 6.25 33.84
C ARG A 118 -7.80 7.23 32.92
N VAL A 119 -9.03 7.58 33.28
CA VAL A 119 -9.83 8.49 32.48
C VAL A 119 -9.11 9.80 32.14
N GLU A 120 -8.38 10.36 33.11
CA GLU A 120 -7.68 11.61 32.86
C GLU A 120 -6.56 11.47 31.83
N HIS A 121 -6.20 10.25 31.47
CA HIS A 121 -5.14 10.05 30.48
C HIS A 121 -5.65 10.24 29.04
N PHE A 122 -6.96 10.26 28.88
CA PHE A 122 -7.56 10.48 27.57
C PHE A 122 -7.37 11.97 27.23
N GLN A 123 -7.17 12.27 25.95
CA GLN A 123 -7.01 13.65 25.51
C GLN A 123 -8.15 14.00 24.57
N ASP A 124 -8.79 15.14 24.79
CA ASP A 124 -9.91 15.54 23.95
C ASP A 124 -9.55 15.55 22.47
N ALA A 125 -8.31 15.91 22.18
CA ALA A 125 -7.83 15.97 20.80
C ALA A 125 -8.01 14.62 20.11
N SER A 126 -7.74 13.54 20.82
CA SER A 126 -7.88 12.19 20.26
C SER A 126 -9.32 11.90 19.84
N PHE A 127 -10.27 12.32 20.67
CA PHE A 127 -11.67 12.07 20.38
C PHE A 127 -12.26 12.95 19.28
N SER A 128 -11.92 14.23 19.28
CA SER A 128 -12.47 15.12 18.27
C SER A 128 -12.00 14.75 16.86
N ASP A 129 -10.83 14.12 16.77
CA ASP A 129 -10.27 13.74 15.49
C ASP A 129 -10.59 12.30 15.09
N ALA A 130 -11.25 11.56 15.98
CA ALA A 130 -11.56 10.17 15.71
C ALA A 130 -12.86 9.88 14.95
N LEU A 131 -12.75 9.04 13.94
CA LEU A 131 -13.90 8.63 13.15
C LEU A 131 -14.39 7.32 13.78
N ILE A 132 -13.43 6.58 14.33
CA ILE A 132 -13.72 5.29 14.97
C ILE A 132 -12.93 5.09 16.26
N PHE A 133 -13.62 4.58 17.28
CA PHE A 133 -13.00 4.27 18.58
C PHE A 133 -13.19 2.74 18.66
N HIS A 134 -12.10 2.00 18.72
CA HIS A 134 -12.16 0.54 18.76
C HIS A 134 -11.58 -0.04 20.04
N ALA A 135 -12.31 -0.97 20.66
CA ALA A 135 -11.87 -1.59 21.89
C ALA A 135 -12.20 -3.08 21.94
N CYS A 136 -11.61 -3.78 22.91
CA CYS A 136 -11.81 -5.21 23.11
C CYS A 136 -12.10 -5.46 24.59
N SER A 137 -12.52 -6.67 24.95
CA SER A 137 -12.85 -6.96 26.36
C SER A 137 -11.66 -7.12 27.30
N ASN A 138 -10.46 -7.20 26.76
CA ASN A 138 -9.29 -7.35 27.63
C ASN A 138 -9.08 -6.14 28.54
N SER A 139 -9.57 -4.98 28.12
CA SER A 139 -9.42 -3.79 28.95
C SER A 139 -10.63 -3.66 29.90
N THR A 141 -10.98 -6.43 32.27
CA THR A 141 -10.66 -7.49 33.24
C THR A 141 -10.70 -7.15 34.73
N ASP A 142 -10.75 -5.87 35.07
CA ASP A 142 -10.92 -5.47 36.46
C ASP A 142 -11.85 -4.26 36.45
N ALA A 143 -12.51 -4.01 37.57
CA ALA A 143 -13.49 -2.93 37.68
C ALA A 143 -13.05 -1.54 37.23
N ASP A 144 -11.84 -1.14 37.61
CA ASP A 144 -11.35 0.18 37.25
C ASP A 144 -11.09 0.36 35.74
N ILE A 145 -10.34 -0.54 35.14
CA ILE A 145 -10.03 -0.41 33.72
C ILE A 145 -11.31 -0.56 32.89
N ALA A 146 -12.27 -1.34 33.38
CA ALA A 146 -13.54 -1.52 32.66
C ALA A 146 -14.30 -0.20 32.57
N GLU A 147 -14.39 0.52 33.69
CA GLU A 147 -15.09 1.80 33.72
C GLU A 147 -14.37 2.78 32.81
N VAL A 148 -13.05 2.71 32.81
CA VAL A 148 -12.26 3.59 31.95
C VAL A 148 -12.63 3.30 30.49
N THR A 149 -12.76 2.03 30.14
CA THR A 149 -13.11 1.66 28.78
C THR A 149 -14.52 2.15 28.42
N PHE A 150 -15.47 1.97 29.33
CA PHE A 150 -16.83 2.41 29.08
C PHE A 150 -16.91 3.92 28.89
N GLU A 151 -16.16 4.66 29.69
CA GLU A 151 -16.19 6.11 29.56
C GLU A 151 -15.55 6.55 28.27
N GLY A 152 -14.54 5.79 27.82
CA GLY A 152 -13.90 6.12 26.56
C GLY A 152 -14.91 5.93 25.43
N ARG A 154 -18.17 6.06 25.62
CA ARG A 154 -19.21 7.08 25.70
C ARG A 154 -18.70 8.41 25.17
N ARG A 155 -17.47 8.76 25.52
CA ARG A 155 -16.87 10.00 25.03
C ARG A 155 -16.80 9.96 23.51
N ALA A 156 -16.35 8.83 22.99
CA ALA A 156 -16.23 8.66 21.55
C ALA A 156 -17.58 8.88 20.88
N GLN A 157 -18.62 8.20 21.36
CA GLN A 157 -19.96 8.35 20.80
C GLN A 157 -20.37 9.82 20.83
N ALA A 158 -20.20 10.45 21.98
CA ALA A 158 -20.58 11.85 22.14
C ALA A 158 -19.82 12.77 21.19
N ALA A 159 -18.59 12.37 20.83
CA ALA A 159 -17.77 13.16 19.93
C ALA A 159 -18.05 12.86 18.46
N GLY A 160 -18.97 11.94 18.18
CA GLY A 160 -19.30 11.62 16.80
C GLY A 160 -18.48 10.49 16.17
N ALA A 161 -17.78 9.72 16.98
CA ALA A 161 -17.00 8.61 16.44
C ALA A 161 -17.84 7.34 16.48
N ILE A 162 -17.61 6.47 15.50
CA ILE A 162 -18.29 5.18 15.46
C ILE A 162 -17.58 4.34 16.52
N VAL A 163 -18.34 3.69 17.39
CA VAL A 163 -17.75 2.85 18.42
C VAL A 163 -17.75 1.39 17.97
N SER A 164 -16.55 0.83 17.87
CA SER A 164 -16.33 -0.55 17.44
C SER A 164 -15.88 -1.41 18.61
N PHE A 165 -16.53 -2.56 18.79
CA PHE A 165 -16.19 -3.45 19.90
C PHE A 165 -15.98 -4.89 19.40
N ASP A 166 -14.75 -5.36 19.47
CA ASP A 166 -14.41 -6.73 19.08
C ASP A 166 -14.28 -7.43 20.42
N LEU A 167 -15.30 -8.21 20.77
CA LEU A 167 -15.32 -8.88 22.07
C LEU A 167 -13.95 -9.48 22.45
N ASN A 168 -13.41 -10.34 21.58
CA ASN A 168 -12.11 -10.94 21.84
C ASN A 168 -12.06 -11.42 23.29
N PHE A 169 -13.06 -12.20 23.68
CA PHE A 169 -13.16 -12.71 25.05
C PHE A 169 -12.11 -13.75 25.40
N ARG A 170 -11.32 -13.49 26.43
CA ARG A 170 -10.28 -14.41 26.88
C ARG A 170 -10.47 -14.66 28.37
N PRO A 171 -11.30 -15.67 28.72
CA PRO A 171 -11.63 -16.06 30.10
C PRO A 171 -10.45 -16.15 31.06
N LEU A 173 -7.90 -14.42 31.36
CA LEU A 173 -7.43 -13.13 31.84
C LEU A 173 -8.32 -12.52 32.90
N TRP A 174 -9.47 -13.14 33.13
CA TRP A 174 -10.41 -12.63 34.12
C TRP A 174 -10.23 -13.25 35.50
N PRO A 175 -10.52 -12.47 36.56
CA PRO A 175 -10.42 -12.86 37.97
C PRO A 175 -11.14 -14.16 38.29
N ASN A 176 -10.43 -15.06 38.97
CA ASN A 176 -11.00 -16.34 39.34
C ASN A 176 -12.29 -16.18 40.14
N GLY A 177 -13.31 -16.94 39.77
CA GLY A 177 -14.58 -16.88 40.48
C GLY A 177 -15.53 -15.75 40.13
N GLU A 178 -15.17 -14.91 39.16
CA GLU A 178 -16.03 -13.80 38.77
C GLU A 178 -16.75 -14.08 37.45
N ASN A 179 -17.91 -13.48 37.29
CA ASN A 179 -18.70 -13.65 36.07
C ASN A 179 -18.54 -12.40 35.20
N PRO A 180 -17.85 -12.53 34.06
CA PRO A 180 -17.60 -11.43 33.13
C PRO A 180 -18.83 -10.91 32.39
N ALA A 181 -19.87 -11.75 32.33
CA ALA A 181 -21.10 -11.44 31.63
C ALA A 181 -21.57 -10.00 31.76
N SER A 182 -21.69 -9.52 32.99
CA SER A 182 -22.15 -8.16 33.26
C SER A 182 -21.39 -7.09 32.47
N ARG A 183 -20.07 -7.09 32.59
CA ARG A 183 -19.26 -6.10 31.88
C ARG A 183 -19.32 -6.28 30.38
N LEU A 184 -19.32 -7.53 29.93
CA LEU A 184 -19.36 -7.80 28.50
C LEU A 184 -20.61 -7.18 27.89
N TRP A 185 -21.76 -7.38 28.53
CA TRP A 185 -23.02 -6.84 28.03
C TRP A 185 -23.05 -5.32 28.06
N LYS A 186 -22.43 -4.71 29.06
CA LYS A 186 -22.42 -3.26 29.14
C LYS A 186 -21.59 -2.73 27.97
N GLY A 187 -20.46 -3.37 27.72
CA GLY A 187 -19.61 -2.96 26.61
C GLY A 187 -20.35 -3.12 25.30
N LEU A 188 -21.04 -4.25 25.15
CA LEU A 188 -21.79 -4.52 23.93
C LEU A 188 -22.89 -3.48 23.69
N SER A 189 -23.49 -2.99 24.78
CA SER A 189 -24.57 -2.02 24.68
C SER A 189 -24.10 -0.63 24.24
N LEU A 190 -22.80 -0.38 24.32
CA LEU A 190 -22.26 0.94 23.96
C LEU A 190 -21.61 1.02 22.59
N ALA A 191 -21.59 -0.10 21.88
CA ALA A 191 -20.95 -0.15 20.58
C ALA A 191 -21.93 -0.04 19.41
N ASP A 192 -21.47 0.63 18.35
CA ASP A 192 -22.25 0.79 17.13
C ASP A 192 -22.00 -0.44 16.28
N VAL A 193 -20.74 -0.89 16.27
CA VAL A 193 -20.34 -2.06 15.49
C VAL A 193 -19.77 -3.12 16.44
N VAL A 194 -20.29 -4.34 16.34
CA VAL A 194 -19.86 -5.43 17.21
C VAL A 194 -19.33 -6.61 16.39
N LYS A 195 -18.21 -7.18 16.84
CA LYS A 195 -17.63 -8.33 16.16
C LYS A 195 -17.51 -9.45 17.19
N LEU A 196 -18.06 -10.61 16.85
CA LEU A 196 -18.05 -11.79 17.72
C LEU A 196 -17.61 -13.02 16.95
N SER A 197 -17.11 -14.02 17.68
CA SER A 197 -16.72 -15.28 17.06
C SER A 197 -17.96 -16.13 17.29
N SER A 198 -18.13 -17.20 16.52
CA SER A 198 -19.31 -18.06 16.70
C SER A 198 -19.35 -18.60 18.13
N GLU A 199 -18.19 -18.86 18.69
CA GLU A 199 -18.09 -19.39 20.06
C GLU A 199 -18.62 -18.36 21.06
N GLU A 200 -18.18 -17.11 20.92
CA GLU A 200 -18.62 -16.07 21.84
C GLU A 200 -20.14 -15.84 21.75
N LEU A 201 -20.69 -16.06 20.56
CA LEU A 201 -22.14 -15.90 20.38
C LEU A 201 -22.86 -16.95 21.22
N ASP A 202 -22.36 -18.18 21.22
CA ASP A 202 -22.99 -19.24 22.01
C ASP A 202 -22.83 -18.95 23.49
N TYR A 203 -21.66 -18.45 23.87
CA TYR A 203 -21.40 -18.11 25.26
C TYR A 203 -22.42 -17.08 25.73
N LEU A 204 -22.61 -16.04 24.93
CA LEU A 204 -23.56 -14.97 25.24
C LEU A 204 -24.99 -15.50 25.27
N ALA A 205 -25.28 -16.45 24.39
CA ALA A 205 -26.61 -17.04 24.34
C ALA A 205 -26.87 -17.72 25.69
N ASN A 206 -25.88 -18.46 26.19
CA ASN A 206 -26.01 -19.15 27.45
C ASN A 206 -26.25 -18.21 28.62
N THR A 207 -25.58 -17.06 28.62
CA THR A 207 -25.75 -16.09 29.70
C THR A 207 -27.20 -15.62 29.73
N LEU A 208 -27.91 -15.83 28.64
CA LEU A 208 -29.32 -15.45 28.54
C LEU A 208 -30.21 -16.68 28.67
N ALA A 209 -29.59 -17.87 28.63
CA ALA A 209 -30.35 -19.11 28.71
C ALA A 209 -31.31 -19.13 27.53
N ALA A 210 -30.82 -18.67 26.38
CA ALA A 210 -31.62 -18.62 25.17
C ALA A 210 -30.78 -18.99 23.96
N ASP A 211 -31.16 -18.47 22.79
CA ASP A 211 -30.45 -18.75 21.55
C ASP A 211 -29.74 -17.54 20.98
N ALA A 212 -29.11 -17.72 19.83
CA ALA A 212 -28.37 -16.66 19.15
C ALA A 212 -29.27 -15.45 18.87
N ASN A 213 -30.50 -15.72 18.46
CA ASN A 213 -31.44 -14.65 18.17
C ASN A 213 -31.70 -13.76 19.37
N ALA A 214 -31.69 -14.35 20.56
CA ALA A 214 -31.92 -13.57 21.78
C ALA A 214 -30.77 -12.60 21.99
N VAL A 215 -29.56 -13.04 21.68
CA VAL A 215 -28.38 -12.20 21.83
C VAL A 215 -28.47 -11.02 20.86
N ILE A 216 -28.73 -11.34 19.60
CA ILE A 216 -28.83 -10.32 18.56
C ILE A 216 -29.87 -9.26 18.91
N GLN A 217 -31.05 -9.71 19.35
CA GLN A 217 -32.11 -8.77 19.74
C GLN A 217 -31.68 -7.91 20.92
N GLN A 218 -30.96 -8.51 21.87
CA GLN A 218 -30.50 -7.78 23.04
C GLN A 218 -29.55 -6.67 22.59
N LEU A 219 -28.70 -7.00 21.62
CA LEU A 219 -27.74 -6.06 21.06
C LEU A 219 -28.47 -4.83 20.50
N TRP A 220 -29.57 -5.06 19.79
CA TRP A 220 -30.35 -3.98 19.19
C TRP A 220 -30.99 -3.09 20.26
N GLN A 221 -30.94 -3.52 21.52
CA GLN A 221 -31.51 -2.72 22.60
C GLN A 221 -30.59 -1.55 22.94
N GLY A 222 -29.30 -1.69 22.63
CA GLY A 222 -28.36 -0.63 22.92
C GLY A 222 -28.04 0.22 21.70
N ARG A 223 -26.75 0.45 21.46
CA ARG A 223 -26.29 1.25 20.33
C ARG A 223 -26.02 0.48 19.04
N ALA A 224 -25.80 -0.82 19.14
CA ALA A 224 -25.44 -1.65 17.99
C ALA A 224 -26.31 -1.53 16.73
N GLN A 225 -25.65 -1.33 15.59
CA GLN A 225 -26.33 -1.21 14.30
C GLN A 225 -25.81 -2.29 13.36
N LEU A 226 -24.63 -2.81 13.66
CA LEU A 226 -24.03 -3.84 12.82
C LEU A 226 -23.31 -4.88 13.67
N LEU A 227 -23.60 -6.15 13.39
CA LEU A 227 -22.97 -7.27 14.08
C LEU A 227 -22.30 -8.16 13.06
N LEU A 228 -21.05 -8.52 13.33
CA LEU A 228 -20.32 -9.43 12.47
C LEU A 228 -19.96 -10.63 13.30
N VAL A 229 -20.27 -11.82 12.80
CA VAL A 229 -19.96 -13.05 13.51
C VAL A 229 -19.07 -13.92 12.64
N THR A 230 -17.84 -14.12 13.08
CA THR A 230 -16.87 -14.91 12.35
C THR A 230 -16.90 -16.38 12.74
N ASP A 231 -16.42 -17.22 11.83
CA ASP A 231 -16.40 -18.65 12.02
C ASP A 231 -14.97 -19.16 11.86
N ALA A 232 -14.60 -20.17 12.65
CA ALA A 232 -13.26 -20.73 12.58
C ALA A 232 -13.03 -21.22 11.15
N ALA A 233 -14.07 -21.78 10.56
CA ALA A 233 -14.03 -22.30 9.20
C ALA A 233 -15.40 -22.08 8.57
N GLY A 234 -15.56 -20.93 7.92
CA GLY A 234 -16.83 -20.60 7.29
C GLY A 234 -16.94 -19.12 6.96
N PRO A 235 -17.98 -18.71 6.23
CA PRO A 235 -18.16 -17.30 5.87
C PRO A 235 -18.50 -16.44 7.09
N VAL A 236 -18.35 -15.13 6.92
CA VAL A 236 -18.67 -14.20 7.98
C VAL A 236 -20.14 -13.86 7.86
N HIS A 237 -20.86 -13.86 8.98
CA HIS A 237 -22.27 -13.53 8.97
C HIS A 237 -22.47 -12.09 9.44
N TRP A 238 -23.28 -11.32 8.74
CA TRP A 238 -23.54 -9.95 9.14
C TRP A 238 -25.02 -9.83 9.51
N TYR A 239 -25.29 -8.94 10.46
CA TYR A 239 -26.65 -8.70 10.92
C TYR A 239 -26.83 -7.22 11.19
N THR A 240 -28.02 -6.72 10.86
CA THR A 240 -28.35 -5.32 11.12
C THR A 240 -29.72 -5.37 11.79
N ARG A 241 -30.27 -4.22 12.15
CA ARG A 241 -31.57 -4.19 12.78
C ARG A 241 -32.70 -4.53 11.80
N THR A 242 -32.38 -4.61 10.51
CA THR A 242 -33.41 -4.91 9.52
C THR A 242 -33.15 -6.14 8.64
N ALA A 243 -31.93 -6.68 8.69
CA ALA A 243 -31.60 -7.84 7.86
C ALA A 243 -30.35 -8.59 8.30
N GLY A 244 -29.99 -9.60 7.53
CA GLY A 244 -28.82 -10.40 7.81
C GLY A 244 -28.44 -11.21 6.59
N GLY A 245 -27.20 -11.70 6.57
CA GLY A 245 -26.74 -12.51 5.45
C GLY A 245 -25.31 -12.94 5.70
N GLU A 246 -24.65 -13.46 4.67
CA GLU A 246 -23.26 -13.85 4.84
C GLU A 246 -22.36 -13.25 3.79
N VAL A 247 -21.11 -13.04 4.18
CA VAL A 247 -20.12 -12.46 3.29
C VAL A 247 -19.37 -13.55 2.57
N PRO A 248 -19.42 -13.55 1.23
CA PRO A 248 -18.72 -14.55 0.44
C PRO A 248 -17.25 -14.16 0.30
N THR A 249 -16.37 -14.96 0.90
CA THR A 249 -14.94 -14.69 0.83
C THR A 249 -14.22 -15.76 0.01
N GLY A 261 -9.73 -13.33 11.17
CA GLY A 261 -9.71 -13.04 12.59
C GLY A 261 -9.36 -11.59 12.87
N ASP A 262 -8.16 -11.35 13.38
CA ASP A 262 -7.72 -10.00 13.69
C ASP A 262 -7.34 -9.27 12.41
N ALA A 263 -6.90 -10.03 11.41
CA ALA A 263 -6.53 -9.46 10.13
C ALA A 263 -7.78 -8.86 9.52
N PHE A 264 -8.90 -9.57 9.69
CA PHE A 264 -10.18 -9.12 9.20
C PHE A 264 -10.57 -7.80 9.85
N VAL A 265 -10.46 -7.75 11.17
CA VAL A 265 -10.80 -6.53 11.90
C VAL A 265 -9.95 -5.37 11.41
N GLY A 266 -8.69 -5.64 11.13
CA GLY A 266 -7.82 -4.59 10.64
C GLY A 266 -8.29 -4.07 9.29
N GLY A 267 -8.59 -5.00 8.39
CA GLY A 267 -9.07 -4.61 7.07
C GLY A 267 -10.40 -3.89 7.12
N LEU A 269 -11.72 -2.02 9.76
CA LEU A 269 -11.58 -0.66 10.31
C LEU A 269 -10.94 0.25 9.26
N TYR A 270 -9.89 -0.25 8.61
CA TYR A 270 -9.19 0.50 7.59
C TYR A 270 -10.17 0.90 6.48
N THR A 271 -10.96 -0.05 6.00
CA THR A 271 -11.91 0.22 4.93
C THR A 271 -13.05 1.14 5.37
N PHE A 272 -13.55 0.94 6.59
CA PHE A 272 -14.62 1.80 7.09
C PHE A 272 -14.13 3.25 7.11
N ALA A 273 -12.90 3.45 7.57
CA ALA A 273 -12.34 4.79 7.64
C ALA A 273 -12.17 5.40 6.25
N GLN A 274 -11.95 4.58 5.24
CA GLN A 274 -11.80 5.05 3.87
C GLN A 274 -13.15 5.35 3.22
N GLN A 275 -14.20 4.64 3.64
CA GLN A 275 -15.54 4.81 3.06
C GLN A 275 -16.46 5.81 3.73
N PHE A 276 -16.51 5.80 5.06
CA PHE A 276 -17.41 6.67 5.78
C PHE A 276 -16.88 8.07 6.02
N ASP A 277 -17.70 9.07 5.70
CA ASP A 277 -17.32 10.47 5.90
C ASP A 277 -17.51 10.83 7.37
N ASP A 278 -18.56 10.25 7.98
CA ASP A 278 -18.87 10.51 9.37
C ASP A 278 -19.58 9.31 9.98
N ALA A 279 -19.96 9.42 11.25
CA ALA A 279 -20.65 8.34 11.94
C ALA A 279 -22.01 8.03 11.33
N ALA A 280 -22.67 9.07 10.82
CA ALA A 280 -23.99 8.90 10.22
C ALA A 280 -23.93 8.01 8.98
N ALA A 281 -22.76 7.94 8.35
CA ALA A 281 -22.57 7.12 7.16
C ALA A 281 -22.76 5.62 7.47
N LEU A 282 -22.54 5.24 8.73
CA LEU A 282 -22.71 3.84 9.12
C LEU A 282 -24.16 3.41 8.97
N ILE A 283 -25.09 4.30 9.27
CA ILE A 283 -26.51 3.98 9.16
C ILE A 283 -26.91 3.67 7.72
N ASP A 284 -26.51 4.53 6.78
CA ASP A 284 -26.83 4.29 5.38
C ASP A 284 -26.24 2.95 4.96
N PHE A 285 -25.02 2.70 5.42
CA PHE A 285 -24.33 1.46 5.11
C PHE A 285 -25.15 0.25 5.56
N CYS A 286 -25.64 0.29 6.79
CA CYS A 286 -26.42 -0.81 7.35
C CYS A 286 -27.74 -1.06 6.63
N HIS A 287 -28.20 -0.07 5.86
CA HIS A 287 -29.44 -0.20 5.11
C HIS A 287 -29.17 -0.60 3.67
N ASP A 288 -27.91 -0.90 3.35
CA ASP A 288 -27.51 -1.24 2.00
C ASP A 288 -26.74 -2.56 1.92
N PRO A 289 -27.46 -3.70 1.96
CA PRO A 289 -26.85 -5.03 1.90
C PRO A 289 -25.78 -5.21 0.81
N GLU A 290 -26.03 -4.69 -0.39
CA GLU A 290 -25.06 -4.83 -1.48
C GLU A 290 -23.72 -4.22 -1.07
N SER A 291 -23.78 -3.05 -0.45
CA SER A 291 -22.57 -2.38 -0.01
C SER A 291 -21.94 -3.15 1.14
N ILE A 292 -22.78 -3.66 2.05
CA ILE A 292 -22.27 -4.43 3.18
C ILE A 292 -21.44 -5.60 2.65
N VAL A 293 -22.01 -6.33 1.70
CA VAL A 293 -21.33 -7.48 1.12
C VAL A 293 -20.03 -7.12 0.40
N SER A 294 -20.08 -6.09 -0.44
CA SER A 294 -18.92 -5.66 -1.19
C SER A 294 -17.80 -5.16 -0.27
N THR A 295 -18.17 -4.34 0.71
CA THR A 295 -17.21 -3.77 1.64
C THR A 295 -16.54 -4.80 2.55
N LEU A 296 -17.30 -5.75 3.09
CA LEU A 296 -16.73 -6.75 3.97
C LEU A 296 -15.86 -7.76 3.22
N ARG A 297 -16.23 -8.09 1.99
CA ARG A 297 -15.43 -9.02 1.21
C ARG A 297 -14.09 -8.34 0.93
N PHE A 298 -14.14 -7.06 0.56
CA PHE A 298 -12.92 -6.29 0.28
C PHE A 298 -12.07 -6.20 1.55
N ALA A 299 -12.73 -5.93 2.67
CA ALA A 299 -12.04 -5.80 3.96
C ALA A 299 -11.25 -7.07 4.27
N ALA A 300 -11.88 -8.22 4.09
CA ALA A 300 -11.22 -9.50 4.36
C ALA A 300 -10.03 -9.68 3.43
N ALA A 301 -10.21 -9.34 2.15
CA ALA A 301 -9.15 -9.48 1.17
C ALA A 301 -7.96 -8.56 1.43
N VAL A 302 -8.23 -7.26 1.57
CA VAL A 302 -7.17 -6.29 1.80
C VAL A 302 -6.49 -6.51 3.17
N GLY A 303 -7.22 -7.12 4.10
CA GLY A 303 -6.66 -7.37 5.42
C GLY A 303 -5.44 -8.27 5.38
N ALA A 304 -5.37 -9.10 4.36
CA ALA A 304 -4.23 -10.00 4.21
C ALA A 304 -2.91 -9.23 3.97
N LEU A 305 -3.00 -7.96 3.57
CA LEU A 305 -1.82 -7.14 3.27
C LEU A 305 -1.23 -6.48 4.53
N ALA A 306 -1.99 -6.44 5.60
CA ALA A 306 -1.49 -5.86 6.80
C ALA A 306 -0.45 -6.87 7.36
N VAL A 307 -0.28 -7.98 6.69
CA VAL A 307 0.68 -9.00 7.09
C VAL A 307 2.15 -8.71 6.71
N ALA A 312 9.42 -8.12 -1.41
CA ALA A 312 8.63 -8.57 -2.54
C ALA A 312 7.73 -9.75 -2.16
N PHE A 313 6.46 -9.67 -2.54
CA PHE A 313 5.48 -10.71 -2.24
C PHE A 313 4.42 -10.80 -3.34
N THR A 314 3.79 -11.94 -3.46
CA THR A 314 2.75 -12.13 -4.47
C THR A 314 1.43 -11.56 -3.94
N ALA A 315 0.65 -10.98 -4.84
CA ALA A 315 -0.64 -10.43 -4.47
C ALA A 315 -1.71 -11.31 -5.10
N PRO A 317 -3.79 -15.05 -5.64
CA PRO A 317 -4.75 -14.68 -6.69
C PRO A 317 -5.65 -13.50 -6.33
N LEU A 319 -5.22 -10.29 -6.07
CA LEU A 319 -5.15 -9.14 -6.97
C LEU A 319 -6.11 -9.26 -8.16
N SER A 320 -6.01 -10.36 -8.88
CA SER A 320 -6.86 -10.59 -10.05
C SER A 320 -8.33 -10.73 -9.64
N GLU A 321 -8.58 -11.41 -8.53
CA GLU A 321 -9.95 -11.60 -8.05
C GLU A 321 -10.60 -10.24 -7.81
N VAL A 322 -9.91 -9.39 -7.05
CA VAL A 322 -10.45 -8.07 -6.75
C VAL A 322 -10.65 -7.24 -8.01
N LEU A 323 -9.64 -7.23 -8.87
CA LEU A 323 -9.68 -6.48 -10.12
C LEU A 323 -10.76 -6.95 -11.11
N SER A 324 -10.93 -8.26 -11.25
CA SER A 324 -11.91 -8.79 -12.19
C SER A 324 -13.32 -8.39 -11.76
N LEU A 325 -13.56 -8.41 -10.46
CA LEU A 325 -14.87 -8.05 -9.93
C LEU A 325 -15.21 -6.58 -10.23
N ILE A 326 -14.26 -5.67 -10.00
CA ILE A 326 -14.52 -4.26 -10.28
C ILE A 326 -14.80 -4.05 -11.76
N GLN A 327 -14.05 -4.74 -12.60
CA GLN A 327 -14.22 -4.61 -14.05
C GLN A 327 -15.63 -5.02 -14.47
N GLU A 328 -16.07 -6.19 -14.00
CA GLU A 328 -17.39 -6.70 -14.33
C GLU A 328 -18.48 -5.74 -13.87
N GLN A 329 -18.30 -5.19 -12.66
CA GLN A 329 -19.27 -4.26 -12.12
C GLN A 329 -19.34 -2.94 -12.90
N SER A 330 -18.20 -2.50 -13.40
CA SER A 330 -18.15 -1.27 -14.17
C SER A 330 -18.71 -1.50 -15.57
N GLU A 331 -18.45 -2.69 -16.11
CA GLU A 331 -18.90 -3.05 -17.45
C GLU A 331 -20.42 -3.29 -17.50
N LEU B 3 12.30 -18.19 -10.07
CA LEU B 3 11.22 -17.23 -10.42
C LEU B 3 11.67 -16.15 -11.43
N LYS B 4 10.85 -15.96 -12.47
CA LYS B 4 11.12 -14.98 -13.53
C LYS B 4 9.96 -14.00 -13.45
N LYS B 5 9.98 -13.14 -12.43
CA LYS B 5 8.91 -12.16 -12.23
C LYS B 5 9.50 -10.78 -11.95
N THR B 6 10.82 -10.65 -12.03
CA THR B 6 11.48 -9.39 -11.75
C THR B 6 11.33 -8.37 -12.85
N ILE B 7 11.06 -7.13 -12.46
CA ILE B 7 10.92 -6.03 -13.40
C ILE B 7 12.27 -5.33 -13.36
N LEU B 8 12.91 -5.27 -14.52
CA LEU B 8 14.22 -4.65 -14.64
C LEU B 8 14.07 -3.26 -15.25
N CYS B 9 14.37 -2.24 -14.45
CA CYS B 9 14.28 -0.86 -14.90
C CYS B 9 15.68 -0.37 -15.22
N PHE B 10 15.91 0.02 -16.47
CA PHE B 10 17.23 0.46 -16.88
C PHE B 10 17.37 1.91 -17.29
N GLY B 11 18.50 2.51 -16.95
CA GLY B 11 18.71 3.88 -17.35
C GLY B 11 19.32 4.83 -16.35
N GLU B 12 18.74 6.01 -16.27
CA GLU B 12 19.26 7.02 -15.37
C GLU B 12 18.49 7.19 -14.08
N ALA B 13 19.26 7.42 -13.03
CA ALA B 13 18.77 7.71 -11.70
C ALA B 13 19.58 8.99 -11.46
N LEU B 14 18.92 10.06 -11.06
CA LEU B 14 19.63 11.31 -10.84
C LEU B 14 18.98 12.10 -9.72
N ILE B 15 19.55 13.26 -9.41
CA ILE B 15 19.01 14.10 -8.35
C ILE B 15 18.21 15.27 -8.91
N ASP B 16 16.98 15.40 -8.45
CA ASP B 16 16.14 16.52 -8.87
C ASP B 16 16.36 17.55 -7.76
N LEU B 18 15.10 20.79 -6.34
CA LEU B 18 13.92 21.66 -6.35
C LEU B 18 14.15 23.05 -5.75
N ALA B 19 14.17 24.05 -6.61
CA ALA B 19 14.38 25.42 -6.17
C ALA B 19 13.17 25.89 -5.38
N GLN B 20 13.41 26.38 -4.17
CA GLN B 20 12.34 26.88 -3.32
C GLN B 20 12.17 28.38 -3.50
N PRO B 21 10.95 28.90 -3.32
CA PRO B 21 10.69 30.33 -3.47
C PRO B 21 11.52 31.14 -2.49
N LEU B 22 11.82 32.39 -2.85
CA LEU B 22 12.60 33.25 -1.99
C LEU B 22 11.79 33.48 -0.71
N VAL B 23 12.44 33.31 0.44
CA VAL B 23 11.76 33.46 1.70
C VAL B 23 11.80 34.86 2.31
N LYS B 24 13.01 35.32 2.65
CA LYS B 24 13.14 36.64 3.28
C LYS B 24 14.37 37.44 2.84
N LYS B 25 14.14 38.70 2.45
CA LYS B 25 15.21 39.61 2.03
C LYS B 25 16.30 38.97 1.19
N GLY B 26 17.51 38.99 1.73
CA GLY B 26 18.67 38.44 1.05
C GLY B 26 19.03 37.07 1.60
N PRO B 28 19.66 33.29 1.52
CA PRO B 28 20.06 32.42 0.41
C PRO B 28 18.96 31.46 -0.02
N ARG B 29 18.71 31.38 -1.31
CA ARG B 29 17.68 30.48 -1.84
C ARG B 29 18.06 29.04 -1.54
N ALA B 30 17.06 28.23 -1.21
CA ALA B 30 17.29 26.83 -0.89
C ALA B 30 16.83 25.89 -2.00
N PHE B 31 17.52 24.77 -2.13
CA PHE B 31 17.20 23.77 -3.13
C PHE B 31 17.03 22.46 -2.38
N LEU B 32 15.94 21.75 -2.65
CA LEU B 32 15.66 20.48 -1.98
C LEU B 32 16.08 19.29 -2.83
N GLN B 33 16.78 18.35 -2.20
CA GLN B 33 17.27 17.14 -2.85
C GLN B 33 16.22 16.03 -2.93
N CYS B 34 15.90 15.61 -4.15
CA CYS B 34 14.93 14.54 -4.37
C CYS B 34 15.43 13.51 -5.37
N ALA B 35 15.23 12.23 -5.06
CA ALA B 35 15.65 11.15 -5.95
C ALA B 35 14.78 11.21 -7.21
N GLY B 36 15.39 11.03 -8.37
CA GLY B 36 14.66 11.09 -9.61
C GLY B 36 15.21 10.21 -10.71
N GLY B 37 14.70 10.41 -11.93
CA GLY B 37 15.12 9.61 -13.07
C GLY B 37 13.91 8.79 -13.45
N ALA B 38 13.51 8.83 -14.72
CA ALA B 38 12.32 8.11 -15.16
C ALA B 38 12.31 6.62 -14.78
N PRO B 39 13.29 5.84 -15.27
CA PRO B 39 13.26 4.42 -14.89
C PRO B 39 13.41 4.20 -13.38
N ALA B 40 14.07 5.13 -12.70
CA ALA B 40 14.27 5.03 -11.26
C ALA B 40 12.93 5.19 -10.55
N ASN B 41 12.13 6.15 -11.01
CA ASN B 41 10.80 6.38 -10.41
C ASN B 41 9.93 5.13 -10.62
N VAL B 42 10.01 4.53 -11.80
CA VAL B 42 9.20 3.35 -12.08
C VAL B 42 9.58 2.24 -11.11
N ALA B 43 10.88 2.07 -10.88
CA ALA B 43 11.37 1.04 -9.98
C ALA B 43 10.83 1.21 -8.57
N VAL B 44 10.88 2.43 -8.06
CA VAL B 44 10.40 2.69 -6.71
C VAL B 44 8.90 2.49 -6.60
N ALA B 45 8.17 2.84 -7.65
CA ALA B 45 6.72 2.66 -7.65
C ALA B 45 6.39 1.17 -7.58
N VAL B 46 7.13 0.35 -8.32
CA VAL B 46 6.92 -1.09 -8.34
C VAL B 46 7.24 -1.70 -6.97
N ALA B 47 8.35 -1.26 -6.38
CA ALA B 47 8.78 -1.79 -5.08
C ALA B 47 7.77 -1.44 -3.98
N ARG B 48 7.18 -0.26 -4.05
CA ARG B 48 6.22 0.16 -3.05
C ARG B 48 4.99 -0.75 -3.08
N LEU B 49 4.65 -1.25 -4.27
CA LEU B 49 3.50 -2.14 -4.42
C LEU B 49 3.82 -3.57 -4.01
N GLY B 50 5.10 -3.86 -3.80
CA GLY B 50 5.50 -5.20 -3.40
C GLY B 50 6.04 -6.08 -4.51
N GLY B 51 6.22 -5.53 -5.70
CA GLY B 51 6.73 -6.33 -6.80
C GLY B 51 8.24 -6.51 -6.76
N ALA B 52 8.73 -7.58 -7.39
CA ALA B 52 10.16 -7.83 -7.44
C ALA B 52 10.72 -6.91 -8.51
N VAL B 53 11.61 -6.01 -8.13
CA VAL B 53 12.16 -5.06 -9.10
C VAL B 53 13.61 -4.73 -8.83
N GLN B 54 14.34 -4.53 -9.93
CA GLN B 54 15.75 -4.21 -9.84
C GLN B 54 16.01 -2.98 -10.72
N PHE B 55 16.91 -2.11 -10.27
CA PHE B 55 17.27 -0.95 -11.07
C PHE B 55 18.66 -1.23 -11.60
N VAL B 56 18.81 -1.15 -12.91
CA VAL B 56 20.10 -1.39 -13.56
C VAL B 56 20.59 -0.09 -14.20
N GLY B 57 21.76 0.35 -13.76
CA GLY B 57 22.33 1.58 -14.28
C GLY B 57 23.57 1.94 -13.49
N LEU B 59 25.68 4.70 -11.12
CA LEU B 59 25.58 5.82 -10.19
C LEU B 59 26.99 6.34 -9.93
N GLY B 60 27.13 7.64 -9.70
CA GLY B 60 28.44 8.18 -9.42
C GLY B 60 28.93 7.76 -8.05
N SER B 61 30.24 7.86 -7.83
CA SER B 61 30.84 7.53 -6.54
C SER B 61 30.98 8.85 -5.80
N ASP B 62 29.84 9.50 -5.58
CA ASP B 62 29.78 10.77 -4.89
C ASP B 62 28.63 10.73 -3.91
N PHE B 64 25.77 12.17 -3.93
CA PHE B 64 24.46 11.99 -4.55
C PHE B 64 24.24 10.56 -5.00
N GLY B 65 25.31 9.92 -5.46
CA GLY B 65 25.20 8.53 -5.88
C GLY B 65 24.87 7.67 -4.68
N ASP B 66 25.52 7.98 -3.55
CA ASP B 66 25.27 7.22 -2.32
C ASP B 66 23.82 7.41 -1.89
N PHE B 67 23.33 8.63 -2.08
CA PHE B 67 21.94 8.95 -1.71
C PHE B 67 20.96 8.13 -2.54
N LEU B 68 21.23 8.03 -3.83
CA LEU B 68 20.36 7.26 -4.73
C LEU B 68 20.44 5.77 -4.39
N PHE B 69 21.64 5.27 -4.15
CA PHE B 69 21.82 3.87 -3.82
C PHE B 69 21.03 3.49 -2.57
N ASP B 70 21.18 4.30 -1.51
CA ASP B 70 20.48 4.04 -0.26
C ASP B 70 18.97 4.19 -0.42
N SER B 71 18.54 5.17 -1.22
CA SER B 71 17.12 5.38 -1.45
C SER B 71 16.52 4.13 -2.08
N PHE B 72 17.25 3.53 -3.03
CA PHE B 72 16.78 2.32 -3.69
C PHE B 72 16.67 1.17 -2.67
N ALA B 73 17.71 1.01 -1.87
CA ALA B 73 17.74 -0.04 -0.86
C ALA B 73 16.57 0.10 0.12
N GLU B 74 16.34 1.32 0.62
CA GLU B 74 15.26 1.56 1.57
C GLU B 74 13.89 1.30 0.97
N ALA B 75 13.75 1.46 -0.35
CA ALA B 75 12.47 1.25 -1.00
C ALA B 75 12.20 -0.21 -1.33
N GLY B 76 13.22 -1.04 -1.22
CA GLY B 76 13.05 -2.44 -1.53
C GLY B 76 13.44 -2.79 -2.95
N VAL B 77 14.09 -1.85 -3.64
CA VAL B 77 14.56 -2.09 -5.00
C VAL B 77 15.87 -2.86 -4.92
N VAL B 78 15.99 -3.95 -5.65
CA VAL B 78 17.23 -4.74 -5.64
C VAL B 78 18.34 -3.90 -6.28
N THR B 79 19.48 -3.84 -5.61
CA THR B 79 20.60 -3.04 -6.10
C THR B 79 21.78 -3.78 -6.71
N ASP B 80 21.67 -5.10 -6.84
CA ASP B 80 22.76 -5.91 -7.40
C ASP B 80 23.24 -5.49 -8.77
N GLY B 81 22.34 -4.95 -9.59
CA GLY B 81 22.70 -4.55 -10.93
C GLY B 81 23.24 -3.13 -11.08
N ILE B 82 23.41 -2.44 -9.96
CA ILE B 82 23.93 -1.08 -10.01
C ILE B 82 25.46 -1.10 -10.02
N VAL B 83 26.07 -0.29 -10.88
CA VAL B 83 27.52 -0.20 -10.93
C VAL B 83 27.88 1.24 -10.61
N ARG B 84 29.13 1.48 -10.20
CA ARG B 84 29.55 2.82 -9.82
C ARG B 84 30.73 3.35 -10.63
N THR B 85 30.88 4.67 -10.65
CA THR B 85 31.99 5.29 -11.36
C THR B 85 32.39 6.62 -10.73
N SER B 86 33.68 6.92 -10.79
CA SER B 86 34.23 8.15 -10.25
C SER B 86 34.64 9.05 -11.41
N THR B 87 34.42 8.57 -12.62
CA THR B 87 34.77 9.29 -13.84
C THR B 87 33.89 10.50 -14.09
N ALA B 88 32.65 10.43 -13.62
CA ALA B 88 31.71 11.53 -13.80
C ALA B 88 30.79 11.61 -12.58
N LYS B 89 30.18 12.77 -12.40
CA LYS B 89 29.28 13.00 -11.29
C LYS B 89 27.87 12.54 -11.60
N THR B 90 27.08 12.36 -10.54
CA THR B 90 25.69 11.98 -10.66
C THR B 90 25.01 13.18 -11.31
N ALA B 91 24.19 12.93 -12.32
CA ALA B 91 23.49 14.01 -13.01
C ALA B 91 22.57 14.77 -12.06
N LEU B 92 22.40 16.05 -12.33
CA LEU B 92 21.53 16.91 -11.53
C LEU B 92 20.52 17.57 -12.45
N ALA B 93 19.29 17.67 -11.97
CA ALA B 93 18.22 18.30 -12.73
C ALA B 93 17.64 19.39 -11.83
N PHE B 94 18.00 20.64 -12.10
CA PHE B 94 17.51 21.75 -11.31
C PHE B 94 16.13 22.17 -11.83
N VAL B 95 15.17 22.27 -10.93
CA VAL B 95 13.81 22.66 -11.29
C VAL B 95 13.44 23.96 -10.58
N ALA B 96 12.99 24.94 -11.35
CA ALA B 96 12.60 26.23 -10.79
C ALA B 96 11.57 26.93 -11.66
N LEU B 97 11.56 28.25 -11.58
CA LEU B 97 10.64 29.06 -12.38
C LEU B 97 11.36 30.30 -12.88
N ASP B 98 11.15 30.64 -14.14
CA ASP B 98 11.75 31.83 -14.71
C ASP B 98 11.09 32.11 -16.05
N ALA B 99 10.75 31.06 -16.78
CA ALA B 99 10.03 31.23 -18.04
C ALA B 99 8.81 31.87 -17.40
N HIS B 100 8.83 33.20 -17.30
CA HIS B 100 7.80 33.97 -16.61
C HIS B 100 7.48 33.19 -15.32
N GLY B 101 6.33 32.54 -15.23
CA GLY B 101 5.99 31.78 -14.04
C GLY B 101 6.07 30.29 -14.30
N GLU B 102 6.51 29.93 -15.51
CA GLU B 102 6.66 28.54 -15.94
C GLU B 102 7.69 27.77 -15.14
N ARG B 103 7.72 26.46 -15.36
CA ARG B 103 8.67 25.59 -14.67
C ARG B 103 9.90 25.46 -15.55
N SER B 104 11.03 25.93 -15.05
CA SER B 104 12.29 25.89 -15.78
C SER B 104 13.15 24.67 -15.44
N PHE B 105 14.06 24.31 -16.33
CA PHE B 105 14.94 23.17 -16.14
C PHE B 105 16.40 23.45 -16.53
N SER B 106 17.31 23.06 -15.64
CA SER B 106 18.74 23.25 -15.88
C SER B 106 19.44 21.94 -15.53
N PHE B 107 19.86 21.21 -16.55
CA PHE B 107 20.52 19.92 -16.35
C PHE B 107 22.03 19.94 -16.36
N TYR B 108 22.63 19.17 -15.47
CA TYR B 108 24.08 19.01 -15.43
C TYR B 108 24.23 17.59 -15.95
N ARG B 109 24.10 17.43 -17.27
CA ARG B 109 24.20 16.10 -17.85
C ARG B 109 24.82 15.85 -19.22
N PRO B 110 25.36 16.87 -19.91
CA PRO B 110 25.91 16.36 -21.17
C PRO B 110 26.81 15.20 -20.70
N PRO B 111 27.57 15.41 -19.59
CA PRO B 111 28.44 14.39 -19.00
C PRO B 111 27.83 14.01 -17.65
N ALA B 112 27.76 12.73 -17.35
CA ALA B 112 27.20 12.26 -16.09
C ALA B 112 27.46 10.76 -15.91
N ALA B 113 27.42 10.31 -14.67
CA ALA B 113 27.66 8.91 -14.37
C ALA B 113 26.77 7.91 -15.10
N ASP B 114 25.47 8.18 -15.14
CA ASP B 114 24.54 7.24 -15.79
C ASP B 114 24.82 7.01 -17.27
N LEU B 115 25.47 7.98 -17.91
CA LEU B 115 25.81 7.88 -19.34
C LEU B 115 26.97 6.92 -19.62
N LEU B 116 27.68 6.50 -18.58
CA LEU B 116 28.84 5.64 -18.74
C LEU B 116 28.60 4.14 -18.60
N PHE B 117 27.35 3.75 -18.43
CA PHE B 117 27.02 2.33 -18.31
C PHE B 117 27.31 1.71 -19.68
N ARG B 118 28.01 0.58 -19.69
CA ARG B 118 28.32 -0.08 -20.96
C ARG B 118 27.81 -1.51 -20.94
N VAL B 119 27.71 -2.13 -22.10
CA VAL B 119 27.19 -3.50 -22.20
C VAL B 119 27.86 -4.48 -21.25
N GLU B 120 29.16 -4.27 -21.00
CA GLU B 120 29.91 -5.13 -20.09
C GLU B 120 29.37 -5.07 -18.65
N HIS B 121 28.61 -4.03 -18.34
CA HIS B 121 28.07 -3.86 -16.99
C HIS B 121 26.79 -4.66 -16.72
N PHE B 122 26.18 -5.19 -17.78
CA PHE B 122 24.97 -6.00 -17.61
C PHE B 122 25.36 -7.32 -16.96
N GLN B 123 24.44 -7.90 -16.20
CA GLN B 123 24.68 -9.17 -15.54
C GLN B 123 23.67 -10.21 -16.01
N ASP B 124 24.16 -11.37 -16.41
CA ASP B 124 23.27 -12.42 -16.91
C ASP B 124 22.16 -12.79 -15.93
N ALA B 125 22.44 -12.75 -14.64
CA ALA B 125 21.45 -13.08 -13.63
C ALA B 125 20.24 -12.13 -13.68
N SER B 126 20.48 -10.88 -14.05
CA SER B 126 19.41 -9.88 -14.16
C SER B 126 18.40 -10.29 -15.23
N PHE B 127 18.89 -10.65 -16.41
CA PHE B 127 18.04 -11.05 -17.51
C PHE B 127 17.42 -12.42 -17.31
N SER B 128 18.11 -13.31 -16.61
CA SER B 128 17.56 -14.64 -16.36
C SER B 128 16.28 -14.55 -15.56
N ASP B 129 16.30 -13.75 -14.49
CA ASP B 129 15.14 -13.59 -13.62
C ASP B 129 14.14 -12.52 -14.07
N ALA B 130 14.47 -11.78 -15.12
CA ALA B 130 13.58 -10.71 -15.58
C ALA B 130 12.40 -11.15 -16.44
N LEU B 131 11.24 -10.60 -16.12
CA LEU B 131 10.03 -10.87 -16.89
C LEU B 131 9.74 -9.62 -17.72
N ILE B 132 10.26 -8.49 -17.26
CA ILE B 132 10.07 -7.20 -17.93
C ILE B 132 11.35 -6.37 -17.89
N PHE B 133 11.64 -5.66 -18.99
CA PHE B 133 12.80 -4.78 -19.09
C PHE B 133 12.22 -3.43 -19.49
N HIS B 134 12.36 -2.43 -18.64
CA HIS B 134 11.80 -1.12 -18.94
C HIS B 134 12.87 -0.05 -19.15
N ALA B 135 12.72 0.74 -20.20
CA ALA B 135 13.69 1.81 -20.51
C ALA B 135 12.97 3.05 -21.03
N CYS B 136 13.70 4.16 -21.07
CA CYS B 136 13.18 5.45 -21.54
C CYS B 136 14.19 6.04 -22.52
N SER B 137 13.82 7.10 -23.24
CA SER B 137 14.74 7.67 -24.23
C SER B 137 15.91 8.48 -23.68
N ASN B 138 15.90 8.80 -22.39
CA ASN B 138 17.00 9.58 -21.83
C ASN B 138 18.32 8.82 -21.88
N SER B 139 18.25 7.50 -21.91
CA SER B 139 19.46 6.69 -21.99
C SER B 139 19.83 6.46 -23.46
N THR B 141 20.58 9.57 -25.30
CA THR B 141 21.03 10.91 -25.64
C THR B 141 22.38 11.02 -26.36
N ASP B 142 23.16 9.94 -26.36
CA ASP B 142 24.44 9.92 -27.10
C ASP B 142 24.55 8.53 -27.70
N ALA B 143 25.38 8.39 -28.74
CA ALA B 143 25.54 7.13 -29.45
C ALA B 143 25.88 5.90 -28.60
N ASP B 144 26.82 6.05 -27.68
CA ASP B 144 27.25 4.94 -26.84
C ASP B 144 26.16 4.42 -25.90
N ILE B 145 25.53 5.31 -25.14
CA ILE B 145 24.50 4.88 -24.21
C ILE B 145 23.28 4.33 -24.96
N ALA B 146 22.99 4.91 -26.12
CA ALA B 146 21.85 4.45 -26.91
C ALA B 146 22.04 2.99 -27.34
N GLU B 147 23.24 2.67 -27.81
CA GLU B 147 23.53 1.30 -28.24
C GLU B 147 23.41 0.34 -27.07
N VAL B 148 23.82 0.79 -25.88
CA VAL B 148 23.73 -0.03 -24.68
C VAL B 148 22.25 -0.31 -24.38
N THR B 149 21.41 0.71 -24.54
CA THR B 149 19.98 0.56 -24.29
C THR B 149 19.38 -0.43 -25.30
N PHE B 150 19.74 -0.29 -26.58
CA PHE B 150 19.20 -1.18 -27.59
C PHE B 150 19.62 -2.62 -27.31
N GLU B 151 20.89 -2.82 -26.94
CA GLU B 151 21.41 -4.14 -26.64
C GLU B 151 20.67 -4.74 -25.45
N GLY B 152 20.36 -3.90 -24.47
CA GLY B 152 19.62 -4.38 -23.31
C GLY B 152 18.24 -4.84 -23.72
N ARG B 154 17.35 -5.90 -26.72
CA ARG B 154 17.49 -7.11 -27.53
C ARG B 154 17.79 -8.33 -26.65
N ARG B 155 18.61 -8.11 -25.63
CA ARG B 155 18.99 -9.18 -24.72
C ARG B 155 17.75 -9.60 -23.91
N ALA B 156 16.98 -8.61 -23.46
CA ALA B 156 15.77 -8.87 -22.69
C ALA B 156 14.81 -9.75 -23.49
N GLN B 157 14.55 -9.36 -24.73
CA GLN B 157 13.64 -10.09 -25.59
C GLN B 157 14.09 -11.55 -25.75
N ALA B 158 15.37 -11.73 -26.05
CA ALA B 158 15.91 -13.07 -26.24
C ALA B 158 15.88 -13.90 -24.95
N ALA B 159 15.91 -13.24 -23.80
CA ALA B 159 15.88 -13.92 -22.51
C ALA B 159 14.47 -14.19 -21.98
N GLY B 160 13.47 -13.87 -22.78
CA GLY B 160 12.08 -14.11 -22.38
C GLY B 160 11.43 -13.03 -21.55
N ALA B 161 11.90 -11.80 -21.70
CA ALA B 161 11.31 -10.69 -20.95
C ALA B 161 10.60 -9.76 -21.91
N ILE B 162 9.50 -9.18 -21.41
CA ILE B 162 8.69 -8.24 -22.16
C ILE B 162 9.47 -6.93 -22.14
N VAL B 163 9.59 -6.27 -23.28
CA VAL B 163 10.31 -5.01 -23.35
C VAL B 163 9.32 -3.84 -23.34
N SER B 164 9.44 -2.99 -22.34
CA SER B 164 8.59 -1.83 -22.18
C SER B 164 9.41 -0.58 -22.47
N PHE B 165 8.85 0.34 -23.25
CA PHE B 165 9.55 1.56 -23.61
C PHE B 165 8.63 2.78 -23.45
N ASP B 166 8.95 3.64 -22.50
CA ASP B 166 8.19 4.86 -22.26
C ASP B 166 9.09 5.95 -22.86
N LEU B 167 8.69 6.50 -24.00
CA LEU B 167 9.49 7.50 -24.68
C LEU B 167 10.08 8.52 -23.72
N ASN B 168 9.22 9.25 -23.03
CA ASN B 168 9.68 10.23 -22.06
C ASN B 168 10.71 11.16 -22.73
N PHE B 169 10.37 11.61 -23.94
CA PHE B 169 11.25 12.47 -24.71
C PHE B 169 11.48 13.86 -24.12
N ARG B 170 12.74 14.17 -23.85
CA ARG B 170 13.13 15.45 -23.29
C ARG B 170 14.22 16.06 -24.18
N PRO B 171 13.81 16.80 -25.22
CA PRO B 171 14.68 17.46 -26.21
C PRO B 171 15.89 18.20 -25.62
N LEU B 173 17.86 17.47 -23.29
CA LEU B 173 18.98 16.58 -22.98
C LEU B 173 19.76 16.05 -24.18
N TRP B 174 19.28 16.35 -25.39
CA TRP B 174 19.94 15.89 -26.60
C TRP B 174 20.88 16.94 -27.19
N PRO B 175 21.97 16.50 -27.83
CA PRO B 175 22.95 17.42 -28.43
C PRO B 175 22.31 18.37 -29.43
N ASN B 176 22.79 19.62 -29.42
CA ASN B 176 22.27 20.64 -30.31
C ASN B 176 22.49 20.24 -31.77
N GLY B 177 21.52 20.56 -32.62
CA GLY B 177 21.62 20.25 -34.03
C GLY B 177 21.40 18.81 -34.44
N GLU B 178 21.42 17.87 -33.50
CA GLU B 178 21.22 16.47 -33.82
C GLU B 178 19.76 16.05 -33.86
N ASN B 179 19.43 15.15 -34.78
CA ASN B 179 18.07 14.66 -34.94
C ASN B 179 17.91 13.33 -34.21
N PRO B 180 17.15 13.33 -33.10
CA PRO B 180 16.91 12.12 -32.31
C PRO B 180 15.93 11.11 -32.90
N ALA B 181 15.22 11.52 -33.95
CA ALA B 181 14.24 10.66 -34.60
C ALA B 181 14.70 9.23 -34.83
N SER B 182 15.88 9.08 -35.41
CA SER B 182 16.45 7.77 -35.71
C SER B 182 16.50 6.81 -34.51
N ARG B 183 17.05 7.28 -33.40
CA ARG B 183 17.16 6.43 -32.21
C ARG B 183 15.80 6.14 -31.60
N LEU B 184 14.93 7.15 -31.57
CA LEU B 184 13.61 6.96 -31.01
C LEU B 184 12.86 5.87 -31.77
N TRP B 185 12.89 5.92 -33.10
CA TRP B 185 12.21 4.90 -33.90
C TRP B 185 12.82 3.51 -33.68
N LYS B 186 14.14 3.46 -33.53
CA LYS B 186 14.79 2.17 -33.31
C LYS B 186 14.34 1.57 -31.98
N GLY B 187 14.31 2.41 -30.94
CA GLY B 187 13.88 1.93 -29.64
C GLY B 187 12.45 1.43 -29.74
N LEU B 188 11.61 2.20 -30.43
CA LEU B 188 10.21 1.86 -30.62
C LEU B 188 10.01 0.54 -31.34
N SER B 189 10.90 0.21 -32.28
CA SER B 189 10.79 -1.03 -33.03
C SER B 189 11.19 -2.25 -32.20
N LEU B 190 11.90 -2.02 -31.10
CA LEU B 190 12.36 -3.11 -30.25
C LEU B 190 11.49 -3.39 -29.02
N ALA B 191 10.45 -2.60 -28.84
CA ALA B 191 9.60 -2.76 -27.67
C ALA B 191 8.26 -3.46 -27.90
N ASP B 192 7.84 -4.25 -26.91
CA ASP B 192 6.58 -4.97 -26.96
C ASP B 192 5.47 -4.02 -26.49
N VAL B 193 5.81 -3.18 -25.51
CA VAL B 193 4.86 -2.23 -24.94
C VAL B 193 5.44 -0.82 -25.07
N VAL B 194 4.65 0.08 -25.63
CA VAL B 194 5.10 1.46 -25.84
C VAL B 194 4.16 2.49 -25.23
N LYS B 195 4.74 3.53 -24.64
CA LYS B 195 3.96 4.60 -24.04
C LYS B 195 4.44 5.93 -24.59
N LEU B 196 3.50 6.69 -25.16
CA LEU B 196 3.79 8.00 -25.75
C LEU B 196 2.81 9.04 -25.22
N SER B 197 3.20 10.30 -25.32
CA SER B 197 2.33 11.40 -24.93
C SER B 197 1.74 11.87 -26.26
N SER B 198 0.67 12.65 -26.23
CA SER B 198 0.06 13.16 -27.46
C SER B 198 1.07 13.93 -28.26
N GLU B 199 1.86 14.73 -27.56
CA GLU B 199 2.87 15.56 -28.19
C GLU B 199 3.92 14.72 -28.90
N GLU B 200 4.35 13.63 -28.27
CA GLU B 200 5.35 12.76 -28.88
C GLU B 200 4.78 12.06 -30.11
N LEU B 201 3.48 11.74 -30.06
CA LEU B 201 2.82 11.09 -31.17
C LEU B 201 2.81 12.07 -32.35
N ASP B 202 2.57 13.35 -32.05
CA ASP B 202 2.55 14.38 -33.09
C ASP B 202 3.96 14.54 -33.65
N TYR B 203 4.94 14.57 -32.76
CA TYR B 203 6.34 14.70 -33.17
C TYR B 203 6.70 13.59 -34.14
N LEU B 204 6.38 12.35 -33.76
CA LEU B 204 6.68 11.20 -34.59
C LEU B 204 5.96 11.26 -35.93
N ALA B 205 4.71 11.74 -35.92
CA ALA B 205 3.94 11.85 -37.14
C ALA B 205 4.63 12.83 -38.08
N ASN B 206 5.14 13.92 -37.51
CA ASN B 206 5.82 14.93 -38.29
C ASN B 206 7.08 14.36 -38.95
N THR B 207 7.82 13.52 -38.22
CA THR B 207 9.03 12.94 -38.78
C THR B 207 8.69 12.03 -39.95
N LEU B 208 7.42 11.66 -40.07
CA LEU B 208 6.97 10.79 -41.16
C LEU B 208 6.21 11.61 -42.19
N ALA B 209 6.00 12.89 -41.91
CA ALA B 209 5.26 13.75 -42.82
C ALA B 209 3.89 13.09 -43.04
N ALA B 210 3.33 12.57 -41.95
CA ALA B 210 2.04 11.90 -42.01
C ALA B 210 1.22 12.21 -40.76
N ASP B 211 0.35 11.28 -40.39
CA ASP B 211 -0.50 11.45 -39.22
C ASP B 211 -0.29 10.39 -38.15
N ALA B 212 -1.01 10.52 -37.04
CA ALA B 212 -0.92 9.60 -35.92
C ALA B 212 -1.13 8.15 -36.37
N ASN B 213 -2.08 7.92 -37.26
CA ASN B 213 -2.34 6.57 -37.74
C ASN B 213 -1.10 5.96 -38.38
N ALA B 214 -0.41 6.75 -39.20
CA ALA B 214 0.80 6.27 -39.86
C ALA B 214 1.84 5.86 -38.81
N VAL B 215 1.89 6.59 -37.71
CA VAL B 215 2.85 6.28 -36.63
C VAL B 215 2.50 4.94 -36.01
N ILE B 216 1.22 4.75 -35.70
CA ILE B 216 0.76 3.51 -35.09
C ILE B 216 1.02 2.32 -36.02
N GLN B 217 0.75 2.49 -37.31
CA GLN B 217 1.00 1.42 -38.27
C GLN B 217 2.48 1.08 -38.32
N GLN B 218 3.32 2.11 -38.18
CA GLN B 218 4.77 1.91 -38.19
C GLN B 218 5.19 1.06 -36.99
N LEU B 219 4.57 1.32 -35.84
CA LEU B 219 4.89 0.57 -34.64
C LEU B 219 4.57 -0.91 -34.81
N TRP B 220 3.45 -1.20 -35.46
CA TRP B 220 3.03 -2.58 -35.68
C TRP B 220 4.00 -3.33 -36.61
N GLN B 221 4.88 -2.59 -37.29
CA GLN B 221 5.87 -3.20 -38.18
C GLN B 221 6.99 -3.81 -37.35
N GLY B 222 7.10 -3.38 -36.10
CA GLY B 222 8.13 -3.91 -35.22
C GLY B 222 7.61 -4.94 -34.22
N ARG B 223 8.09 -4.86 -32.99
CA ARG B 223 7.70 -5.77 -31.93
C ARG B 223 6.44 -5.34 -31.16
N ALA B 224 6.11 -4.06 -31.20
CA ALA B 224 4.97 -3.51 -30.46
C ALA B 224 3.64 -4.26 -30.54
N GLN B 225 3.06 -4.54 -29.38
CA GLN B 225 1.78 -5.24 -29.31
C GLN B 225 0.77 -4.38 -28.57
N LEU B 226 1.26 -3.44 -27.77
CA LEU B 226 0.39 -2.55 -26.99
C LEU B 226 0.95 -1.13 -26.97
N LEU B 227 0.09 -0.16 -27.27
CA LEU B 227 0.50 1.25 -27.27
C LEU B 227 -0.42 2.09 -26.38
N LEU B 228 0.20 2.89 -25.52
CA LEU B 228 -0.54 3.79 -24.65
C LEU B 228 -0.21 5.21 -25.07
N VAL B 229 -1.23 6.04 -25.26
CA VAL B 229 -1.00 7.43 -25.62
C VAL B 229 -1.64 8.29 -24.53
N THR B 230 -0.83 9.10 -23.87
CA THR B 230 -1.31 9.96 -22.80
C THR B 230 -1.65 11.37 -23.30
N ASP B 231 -2.66 11.96 -22.70
CA ASP B 231 -3.09 13.31 -23.05
C ASP B 231 -2.70 14.22 -21.90
N ALA B 232 -2.30 15.45 -22.24
CA ALA B 232 -1.91 16.42 -21.22
C ALA B 232 -3.00 16.47 -20.16
N ALA B 233 -4.25 16.48 -20.61
CA ALA B 233 -5.39 16.50 -19.69
C ALA B 233 -5.28 15.27 -18.80
N GLY B 234 -5.78 14.13 -19.26
CA GLY B 234 -5.70 12.93 -18.44
C GLY B 234 -6.19 11.61 -19.04
N PRO B 235 -7.13 11.62 -20.00
CA PRO B 235 -7.63 10.36 -20.58
C PRO B 235 -6.59 9.59 -21.40
N VAL B 236 -6.21 8.40 -20.93
CA VAL B 236 -5.22 7.61 -21.65
C VAL B 236 -5.88 6.66 -22.65
N HIS B 237 -5.38 6.66 -23.88
CA HIS B 237 -5.91 5.78 -24.92
C HIS B 237 -4.96 4.61 -25.11
N TRP B 238 -5.51 3.43 -25.36
CA TRP B 238 -4.69 2.25 -25.58
C TRP B 238 -5.02 1.68 -26.96
N TYR B 239 -4.02 1.06 -27.58
CA TYR B 239 -4.17 0.47 -28.91
C TYR B 239 -3.42 -0.86 -28.97
N THR B 240 -3.99 -1.83 -29.67
CA THR B 240 -3.36 -3.12 -29.89
C THR B 240 -3.51 -3.33 -31.38
N ARG B 241 -2.98 -4.42 -31.92
CA ARG B 241 -3.11 -4.65 -33.35
C ARG B 241 -4.53 -5.05 -33.75
N THR B 242 -5.40 -5.29 -32.77
CA THR B 242 -6.76 -5.69 -33.07
C THR B 242 -7.86 -4.73 -32.61
N ALA B 243 -7.52 -3.77 -31.75
CA ALA B 243 -8.53 -2.83 -31.27
C ALA B 243 -7.93 -1.62 -30.57
N GLY B 244 -8.81 -0.77 -30.03
CA GLY B 244 -8.38 0.41 -29.31
C GLY B 244 -9.46 0.83 -28.33
N GLY B 245 -9.07 1.55 -27.27
CA GLY B 245 -10.04 1.99 -26.30
C GLY B 245 -9.51 3.05 -25.37
N GLU B 246 -10.20 3.23 -24.24
CA GLU B 246 -9.84 4.22 -23.23
C GLU B 246 -9.46 3.57 -21.90
N VAL B 247 -8.72 4.30 -21.09
CA VAL B 247 -8.31 3.82 -19.78
C VAL B 247 -9.11 4.59 -18.74
N PRO B 248 -9.65 3.90 -17.73
CA PRO B 248 -10.42 4.57 -16.69
C PRO B 248 -9.51 5.51 -15.91
N THR B 249 -9.99 6.71 -15.57
CA THR B 249 -9.16 7.67 -14.85
C THR B 249 -9.69 7.91 -13.43
N PHE B 250 -8.91 8.65 -12.64
CA PHE B 250 -9.31 8.96 -11.26
C PHE B 250 -9.10 10.43 -10.93
N ARG B 251 -9.98 10.95 -10.07
CA ARG B 251 -9.94 12.35 -9.64
C ARG B 251 -9.58 12.41 -8.14
N VAL B 252 -8.32 12.70 -7.84
CA VAL B 252 -7.89 12.77 -6.45
C VAL B 252 -7.15 14.05 -6.06
N GLN B 253 -7.37 15.13 -6.81
CA GLN B 253 -6.72 16.41 -6.51
C GLN B 253 -5.20 16.34 -6.66
N VAL B 254 -4.65 17.29 -7.41
CA VAL B 254 -3.21 17.33 -7.64
C VAL B 254 -2.53 18.20 -6.59
N ASN B 258 -1.42 15.46 -14.23
CA ASN B 258 -2.59 14.61 -14.40
C ASN B 258 -2.30 13.55 -15.47
N ALA B 259 -1.41 13.91 -16.39
CA ALA B 259 -1.02 13.00 -17.46
C ALA B 259 -0.28 11.82 -16.84
N ALA B 260 -0.61 10.61 -17.27
CA ALA B 260 0.01 9.39 -16.76
C ALA B 260 1.53 9.41 -16.87
N GLY B 261 2.21 9.29 -15.74
CA GLY B 261 3.66 9.31 -15.74
C GLY B 261 4.33 8.02 -15.28
N ASP B 262 5.48 8.17 -14.61
CA ASP B 262 6.22 7.01 -14.14
C ASP B 262 5.49 6.12 -13.14
N ALA B 263 4.65 6.70 -12.30
CA ALA B 263 3.92 5.89 -11.32
C ALA B 263 2.92 5.01 -12.06
N PHE B 264 2.23 5.59 -13.04
CA PHE B 264 1.28 4.85 -13.87
C PHE B 264 1.99 3.64 -14.48
N VAL B 265 3.18 3.88 -15.02
CA VAL B 265 3.96 2.82 -15.65
C VAL B 265 4.33 1.74 -14.62
N GLY B 266 4.75 2.18 -13.45
CA GLY B 266 5.10 1.23 -12.40
C GLY B 266 3.89 0.39 -12.06
N GLY B 267 2.73 1.03 -11.95
CA GLY B 267 1.51 0.30 -11.63
C GLY B 267 1.21 -0.73 -12.71
N LEU B 269 3.34 -2.17 -15.07
CA LEU B 269 4.31 -3.25 -15.11
C LEU B 269 4.17 -4.17 -13.90
N TYR B 270 3.87 -3.58 -12.75
CA TYR B 270 3.68 -4.36 -11.53
C TYR B 270 2.58 -5.40 -11.76
N THR B 271 1.45 -4.95 -12.33
CA THR B 271 0.33 -5.84 -12.58
C THR B 271 0.67 -6.91 -13.61
N PHE B 272 1.41 -6.54 -14.65
CA PHE B 272 1.83 -7.48 -15.69
C PHE B 272 2.61 -8.63 -15.04
N ALA B 273 3.58 -8.27 -14.21
CA ALA B 273 4.43 -9.27 -13.55
C ALA B 273 3.64 -10.17 -12.61
N GLN B 274 2.60 -9.63 -11.99
CA GLN B 274 1.78 -10.43 -11.08
C GLN B 274 0.88 -11.41 -11.84
N GLN B 275 0.30 -10.94 -12.94
CA GLN B 275 -0.63 -11.74 -13.72
C GLN B 275 -0.08 -12.65 -14.83
N PHE B 276 1.03 -12.27 -15.44
CA PHE B 276 1.59 -13.08 -16.52
C PHE B 276 2.50 -14.21 -16.06
N ASP B 277 2.30 -15.41 -16.60
CA ASP B 277 3.15 -16.55 -16.24
C ASP B 277 4.48 -16.35 -16.94
N ASP B 278 4.42 -15.79 -18.14
CA ASP B 278 5.61 -15.54 -18.94
C ASP B 278 5.35 -14.43 -19.95
N ALA B 279 6.37 -14.13 -20.75
CA ALA B 279 6.28 -13.08 -21.75
C ALA B 279 5.18 -13.32 -22.78
N ALA B 280 4.98 -14.58 -23.15
CA ALA B 280 3.97 -14.92 -24.14
C ALA B 280 2.58 -14.51 -23.69
N ALA B 281 2.37 -14.41 -22.38
CA ALA B 281 1.06 -14.02 -21.85
C ALA B 281 0.62 -12.63 -22.30
N LEU B 282 1.57 -11.79 -22.72
CA LEU B 282 1.21 -10.43 -23.17
C LEU B 282 0.30 -10.49 -24.40
N ILE B 283 0.54 -11.48 -25.25
CA ILE B 283 -0.26 -11.62 -26.48
C ILE B 283 -1.73 -11.87 -26.17
N ASP B 284 -2.01 -12.80 -25.26
CA ASP B 284 -3.37 -13.11 -24.88
C ASP B 284 -4.00 -11.87 -24.24
N PHE B 285 -3.22 -11.20 -23.41
CA PHE B 285 -3.68 -10.00 -22.74
C PHE B 285 -4.11 -8.96 -23.78
N CYS B 286 -3.27 -8.76 -24.79
CA CYS B 286 -3.57 -7.78 -25.83
C CYS B 286 -4.79 -8.14 -26.68
N HIS B 287 -5.22 -9.39 -26.59
CA HIS B 287 -6.39 -9.84 -27.35
C HIS B 287 -7.64 -9.78 -26.47
N ASP B 288 -7.49 -9.31 -25.23
CA ASP B 288 -8.64 -9.26 -24.32
C ASP B 288 -8.88 -7.89 -23.68
N PRO B 289 -9.65 -7.02 -24.36
CA PRO B 289 -9.97 -5.67 -23.90
C PRO B 289 -10.45 -5.60 -22.46
N GLU B 290 -11.14 -6.65 -22.00
CA GLU B 290 -11.63 -6.68 -20.63
C GLU B 290 -10.46 -6.67 -19.63
N SER B 291 -9.42 -7.46 -19.92
CA SER B 291 -8.25 -7.48 -19.05
C SER B 291 -7.46 -6.18 -19.20
N ILE B 292 -7.36 -5.68 -20.43
CA ILE B 292 -6.63 -4.45 -20.68
C ILE B 292 -7.22 -3.31 -19.84
N VAL B 293 -8.54 -3.14 -19.92
CA VAL B 293 -9.21 -2.10 -19.15
C VAL B 293 -9.03 -2.30 -17.64
N SER B 294 -9.14 -3.54 -17.18
CA SER B 294 -8.98 -3.84 -15.77
C SER B 294 -7.58 -3.47 -15.28
N THR B 295 -6.58 -3.89 -16.03
CA THR B 295 -5.20 -3.62 -15.65
C THR B 295 -4.81 -2.15 -15.73
N LEU B 296 -5.26 -1.46 -16.78
CA LEU B 296 -4.93 -0.05 -16.89
C LEU B 296 -5.67 0.78 -15.86
N ARG B 297 -6.81 0.29 -15.37
CA ARG B 297 -7.53 1.04 -14.34
C ARG B 297 -6.64 1.06 -13.09
N PHE B 298 -6.00 -0.07 -12.81
CA PHE B 298 -5.10 -0.19 -11.66
C PHE B 298 -3.96 0.81 -11.84
N ALA B 299 -3.35 0.81 -13.02
CA ALA B 299 -2.24 1.72 -13.31
C ALA B 299 -2.64 3.17 -13.10
N ALA B 300 -3.85 3.53 -13.54
CA ALA B 300 -4.35 4.89 -13.39
C ALA B 300 -4.51 5.23 -11.91
N ALA B 301 -4.95 4.25 -11.12
CA ALA B 301 -5.13 4.47 -9.69
C ALA B 301 -3.80 4.77 -9.02
N VAL B 302 -2.75 4.04 -9.42
CA VAL B 302 -1.42 4.27 -8.87
C VAL B 302 -0.96 5.69 -9.20
N GLY B 303 -1.13 6.07 -10.47
CA GLY B 303 -0.74 7.40 -10.90
C GLY B 303 -1.49 8.49 -10.18
N ALA B 304 -2.76 8.25 -9.89
CA ALA B 304 -3.58 9.23 -9.21
C ALA B 304 -3.19 9.42 -7.74
N LEU B 305 -2.68 8.36 -7.11
CA LEU B 305 -2.30 8.41 -5.71
C LEU B 305 -0.87 8.90 -5.47
N ALA B 306 -0.01 8.76 -6.47
CA ALA B 306 1.37 9.19 -6.35
C ALA B 306 1.42 10.70 -6.09
N VAL B 307 2.31 11.12 -5.19
CA VAL B 307 2.45 12.53 -4.86
C VAL B 307 3.72 13.12 -5.46
N THR B 308 3.58 14.27 -6.11
CA THR B 308 4.72 14.95 -6.73
C THR B 308 4.87 16.38 -6.22
N ARG B 309 6.09 16.89 -6.27
CA ARG B 309 6.40 18.26 -5.85
C ARG B 309 7.32 18.84 -6.94
N GLN B 310 6.80 19.75 -7.74
CA GLN B 310 7.60 20.34 -8.83
C GLN B 310 8.13 19.17 -9.64
N GLY B 311 7.25 18.21 -9.93
CA GLY B 311 7.70 17.02 -10.64
C GLY B 311 8.44 16.27 -9.55
N ALA B 312 9.07 15.15 -9.85
CA ALA B 312 9.77 14.42 -8.79
C ALA B 312 8.77 13.88 -7.78
N PHE B 313 8.76 12.58 -7.61
CA PHE B 313 7.85 11.91 -6.69
C PHE B 313 8.30 11.95 -5.24
N THR B 314 7.40 12.33 -4.35
CA THR B 314 7.72 12.40 -2.93
C THR B 314 7.07 11.24 -2.18
N ALA B 315 6.15 10.53 -2.85
CA ALA B 315 5.48 9.39 -2.24
C ALA B 315 4.77 8.48 -3.25
N PRO B 317 2.23 5.01 -3.70
CA PRO B 317 1.22 4.29 -2.91
C PRO B 317 1.49 2.79 -2.76
N LEU B 319 0.05 -1.21 -2.23
CA LEU B 319 -1.02 -1.96 -2.88
C LEU B 319 -2.39 -1.73 -2.21
N SER B 320 -2.42 -1.81 -0.89
CA SER B 320 -3.67 -1.62 -0.16
C SER B 320 -4.34 -0.29 -0.47
N GLU B 321 -3.55 0.78 -0.57
CA GLU B 321 -4.07 2.11 -0.86
C GLU B 321 -4.62 2.22 -2.29
N VAL B 322 -3.94 1.58 -3.24
CA VAL B 322 -4.40 1.59 -4.62
C VAL B 322 -5.71 0.81 -4.74
N LEU B 323 -5.75 -0.38 -4.16
CA LEU B 323 -6.95 -1.21 -4.23
C LEU B 323 -8.12 -0.53 -3.52
N SER B 324 -7.86 0.20 -2.43
CA SER B 324 -8.92 0.89 -1.71
C SER B 324 -9.52 1.98 -2.58
N LEU B 325 -8.68 2.70 -3.31
CA LEU B 325 -9.16 3.76 -4.19
C LEU B 325 -10.07 3.18 -5.27
N ILE B 326 -9.63 2.08 -5.87
CA ILE B 326 -10.42 1.45 -6.92
C ILE B 326 -11.74 0.91 -6.36
N GLN B 327 -11.67 0.33 -5.17
CA GLN B 327 -12.85 -0.22 -4.51
C GLN B 327 -13.83 0.90 -4.19
N GLU B 328 -13.33 1.98 -3.59
CA GLU B 328 -14.15 3.13 -3.22
C GLU B 328 -14.75 3.82 -4.42
N GLN B 329 -13.90 4.29 -5.32
CA GLN B 329 -14.32 4.98 -6.53
C GLN B 329 -14.96 3.94 -7.44
N SER B 330 -15.89 3.17 -6.88
CA SER B 330 -16.59 2.12 -7.61
C SER B 330 -17.93 1.80 -6.96
#